data_2ZFR
#
_entry.id   2ZFR
#
_cell.length_a   70.3
_cell.length_b   71.5
_cell.length_c   72.3
_cell.angle_alpha   90.00
_cell.angle_beta   100.4
_cell.angle_gamma   90.00
#
_symmetry.space_group_name_H-M   'C 1 2 1'
#
loop_
_entity.id
_entity.type
_entity.pdbx_description
1 polymer 'thrombin light chain'
2 polymer 'thrombin heavy chain'
3 polymer Hirudin
4 non-polymer 'SODIUM ION'
5 non-polymer (S)-N-(4-carbamimidoylbenzyl)-1-(2-(cyclohexyloxy)ethanoyl)pyrrolidine-2-carboxamide
6 non-polymer GLYCEROL
7 water water
#
loop_
_entity_poly.entity_id
_entity_poly.type
_entity_poly.pdbx_seq_one_letter_code
_entity_poly.pdbx_strand_id
1 'polypeptide(L)' TFGSGEADCGLRPLFEKKSLEDKTERELLESYIDGR L
2 'polypeptide(L)'
;IVEGSDAEIGMSPWQVMLFRKSPQELLCGASLISDRWVLTAAHCLLYPPWDKNFTENDLLVRIGKHSRTRYERNIEKISM
LEKIYIHPRYNWRENLDRDIALMKLKKPVAFSDYIHPVCLPDRETAASLLQAGYKGRVTGWGNLKETWTANVGKGQPSVL
QVVNLPIVERPVCKDSTRIRITDNMFCAGYKPDEGKRGDACEGDSGGPFVMKSPFNNRWYQMGIVSWGEGCDRDGKYGFY
THVFRLKKWIQKVIDQFGE
;
H
3 'polypeptide(L)' NGDFEEIPEE(TYS)L I
#
loop_
_chem_comp.id
_chem_comp.type
_chem_comp.name
_chem_comp.formula
46U peptide-like (S)-N-(4-carbamimidoylbenzyl)-1-(2-(cyclohexyloxy)ethanoyl)pyrrolidine-2-carboxamide 'C21 H30 N4 O3'
GOL non-polymer GLYCEROL 'C3 H8 O3'
NA non-polymer 'SODIUM ION' 'Na 1'
#
# COMPACT_ATOMS: atom_id res chain seq x y z
N GLU A 6 2.89 -13.08 11.64
CA GLU A 6 3.88 -13.26 10.58
C GLU A 6 3.75 -14.65 9.96
N ALA A 7 3.71 -15.68 10.80
CA ALA A 7 3.35 -17.02 10.35
C ALA A 7 1.82 -17.07 10.23
N ASP A 8 1.25 -16.07 10.88
CA ASP A 8 -0.17 -15.78 10.91
C ASP A 8 -0.48 -14.59 10.01
N CYS A 9 0.46 -14.26 9.11
CA CYS A 9 0.36 -13.10 8.25
C CYS A 9 -0.94 -13.15 7.47
N GLY A 10 -1.56 -12.03 7.13
CA GLY A 10 -2.61 -12.03 6.16
C GLY A 10 -3.96 -12.56 6.62
N LEU A 11 -4.06 -12.94 7.88
CA LEU A 11 -5.31 -13.37 8.51
C LEU A 11 -5.78 -12.26 9.46
N ARG A 12 -6.89 -11.63 9.16
CA ARG A 12 -7.23 -10.46 9.97
C ARG A 12 -7.98 -10.87 11.22
N PRO A 13 -7.59 -10.33 12.36
CA PRO A 13 -8.33 -10.60 13.60
C PRO A 13 -9.82 -10.41 13.48
N LEU A 14 -10.32 -9.38 12.78
CA LEU A 14 -11.77 -9.15 12.87
C LEU A 14 -12.54 -9.75 11.72
N PHE A 15 -11.83 -10.45 10.84
CA PHE A 15 -12.51 -11.09 9.71
C PHE A 15 -12.09 -12.57 9.63
N GLU A 16 -11.02 -12.90 8.92
CA GLU A 16 -10.63 -14.29 8.75
C GLU A 16 -10.57 -15.07 10.07
N LYS A 17 -9.97 -14.48 11.10
CA LYS A 17 -9.82 -15.27 12.33
C LYS A 17 -11.14 -15.54 13.04
N LYS A 18 -12.21 -14.80 12.80
CA LYS A 18 -13.54 -14.97 13.36
C LYS A 18 -14.50 -15.53 12.32
N SER A 19 -13.93 -15.82 11.16
CA SER A 19 -14.71 -16.30 10.03
C SER A 19 -15.82 -15.32 9.63
N LEU A 20 -15.49 -14.03 9.68
CA LEU A 20 -16.38 -13.04 9.11
C LEU A 20 -15.84 -12.52 7.77
N GLU A 21 -16.76 -12.22 6.87
CA GLU A 21 -16.30 -11.69 5.59
C GLU A 21 -16.51 -10.19 5.50
N ASP A 22 -15.57 -9.46 4.89
CA ASP A 22 -15.87 -8.02 4.73
C ASP A 22 -16.85 -7.81 3.58
N LYS A 23 -17.38 -6.60 3.43
CA LYS A 23 -18.46 -6.33 2.50
C LYS A 23 -18.08 -6.45 1.03
N THR A 24 -16.81 -6.42 0.63
CA THR A 24 -16.62 -6.54 -0.82
C THR A 24 -15.54 -7.56 -1.18
N GLU A 25 -15.05 -8.35 -0.23
CA GLU A 25 -14.00 -9.32 -0.62
C GLU A 25 -14.51 -10.36 -1.60
N ARG A 26 -15.82 -10.61 -1.61
N ARG A 26 -15.82 -10.59 -1.60
CA ARG A 26 -16.33 -11.60 -2.55
CA ARG A 26 -16.44 -11.54 -2.51
C ARG A 26 -16.10 -11.15 -4.00
C ARG A 26 -16.21 -11.15 -3.97
N GLU A 27 -16.12 -9.84 -4.21
CA GLU A 27 -15.86 -9.32 -5.56
C GLU A 27 -14.47 -9.73 -6.04
N LEU A 28 -13.51 -9.85 -5.11
CA LEU A 28 -12.19 -10.30 -5.53
C LEU A 28 -12.19 -11.77 -5.93
N LEU A 29 -12.78 -12.57 -5.07
CA LEU A 29 -12.95 -14.01 -5.32
C LEU A 29 -13.58 -14.28 -6.68
N GLU A 30 -14.69 -13.60 -6.93
CA GLU A 30 -15.43 -13.83 -8.18
C GLU A 30 -14.58 -13.48 -9.38
N SER A 31 -13.54 -12.68 -9.21
CA SER A 31 -12.68 -12.30 -10.35
C SER A 31 -11.57 -13.32 -10.56
N TYR A 32 -11.42 -14.25 -9.63
CA TYR A 32 -10.31 -15.22 -9.74
C TYR A 32 -10.82 -16.43 -10.51
N ILE A 33 -10.98 -16.20 -11.80
CA ILE A 33 -11.66 -16.94 -12.83
C ILE A 33 -10.88 -18.12 -13.38
N ILE B 1 -7.64 7.92 -2.55
CA ILE B 1 -8.43 7.00 -3.34
C ILE B 1 -9.64 7.64 -3.99
N VAL B 2 -9.79 7.55 -5.32
CA VAL B 2 -11.05 8.12 -5.86
C VAL B 2 -12.00 7.01 -6.29
N GLU B 3 -13.28 7.28 -6.00
CA GLU B 3 -14.43 6.44 -6.23
C GLU B 3 -14.32 5.14 -5.42
N GLY B 4 -13.70 5.29 -4.25
CA GLY B 4 -13.59 4.23 -3.27
C GLY B 4 -14.67 4.31 -2.21
N SER B 5 -14.56 3.53 -1.15
CA SER B 5 -15.53 3.56 -0.06
C SER B 5 -14.80 3.64 1.26
N ASP B 6 -15.49 4.07 2.32
CA ASP B 6 -14.87 4.04 3.64
C ASP B 6 -14.52 2.59 3.96
N ALA B 7 -13.33 2.36 4.50
CA ALA B 7 -12.94 1.04 4.97
C ALA B 7 -13.83 0.58 6.11
N GLU B 8 -14.00 -0.73 6.29
CA GLU B 8 -14.53 -1.27 7.54
C GLU B 8 -13.45 -1.29 8.61
N ILE B 9 -13.88 -1.27 9.88
CA ILE B 9 -12.89 -1.35 10.96
C ILE B 9 -12.11 -2.66 10.92
N GLY B 10 -10.80 -2.60 10.98
CA GLY B 10 -9.91 -3.73 10.92
C GLY B 10 -9.84 -4.47 9.60
N MET B 11 -10.30 -3.89 8.51
CA MET B 11 -10.32 -4.48 7.18
C MET B 11 -8.94 -4.49 6.50
N SER B 12 -8.08 -3.60 6.97
N SER B 12 -8.07 -3.59 6.93
CA SER B 12 -6.72 -3.44 6.47
CA SER B 12 -6.69 -3.49 6.46
C SER B 12 -5.70 -3.23 7.57
C SER B 12 -5.69 -3.23 7.59
N PRO B 13 -5.55 -4.23 8.45
CA PRO B 13 -4.78 -4.04 9.68
C PRO B 13 -3.29 -3.92 9.47
N TRP B 14 -2.85 -4.13 8.22
CA TRP B 14 -1.49 -3.91 7.80
C TRP B 14 -1.28 -2.48 7.28
N GLN B 15 -2.34 -1.69 7.16
CA GLN B 15 -2.19 -0.34 6.62
C GLN B 15 -1.39 0.53 7.57
N VAL B 16 -0.41 1.20 7.00
CA VAL B 16 0.50 2.08 7.76
C VAL B 16 0.37 3.49 7.21
N MET B 17 0.44 4.49 8.07
CA MET B 17 0.52 5.90 7.69
C MET B 17 1.92 6.41 8.00
N LEU B 18 2.56 6.98 6.97
CA LEU B 18 3.88 7.58 7.14
C LEU B 18 3.62 9.05 7.48
N PHE B 19 4.21 9.47 8.59
CA PHE B 19 3.76 10.76 9.13
C PHE B 19 4.95 11.66 9.39
N ARG B 20 4.87 12.88 8.88
CA ARG B 20 5.92 13.88 9.13
C ARG B 20 5.72 14.52 10.51
N LYS B 21 6.79 14.59 11.27
CA LYS B 21 6.91 15.13 12.62
C LYS B 21 6.66 16.63 12.63
N SER B 22 7.24 17.33 11.65
CA SER B 22 7.03 18.77 11.58
C SER B 22 7.20 19.31 10.17
N PRO B 23 6.19 19.98 9.62
CA PRO B 23 4.84 20.12 10.18
C PRO B 23 4.09 18.79 10.09
N GLN B 24 3.52 18.38 11.21
CA GLN B 24 2.70 17.18 11.31
C GLN B 24 1.76 17.03 10.14
N GLU B 25 2.08 16.16 9.18
CA GLU B 25 1.15 15.94 8.06
C GLU B 25 1.21 14.52 7.52
N LEU B 26 0.18 14.05 6.82
CA LEU B 26 0.32 12.73 6.21
C LEU B 26 1.45 12.82 5.19
N LEU B 27 2.30 11.80 5.07
CA LEU B 27 3.24 11.89 3.95
C LEU B 27 2.87 10.88 2.87
N CYS B 28 2.51 9.68 3.29
CA CYS B 28 2.38 8.55 2.38
C CYS B 28 1.69 7.39 3.10
N GLY B 29 1.34 6.39 2.34
CA GLY B 29 0.91 5.09 2.85
C GLY B 29 2.09 4.14 2.90
N ALA B 30 1.80 2.98 3.48
CA ALA B 30 2.83 2.01 3.76
C ALA B 30 2.15 0.75 4.33
N SER B 31 2.94 -0.28 4.64
CA SER B 31 2.34 -1.53 5.08
C SER B 31 3.25 -2.28 6.02
N LEU B 32 2.58 -2.96 6.95
CA LEU B 32 3.26 -3.75 7.97
C LEU B 32 3.49 -5.18 7.47
N ILE B 33 4.76 -5.57 7.43
CA ILE B 33 5.05 -6.92 6.96
C ILE B 33 5.61 -7.82 8.06
N SER B 34 5.97 -7.28 9.21
CA SER B 34 6.34 -8.04 10.40
C SER B 34 6.19 -7.14 11.62
N ASP B 35 6.62 -7.59 12.81
CA ASP B 35 6.45 -6.71 13.96
C ASP B 35 7.44 -5.57 13.93
N ARG B 36 8.47 -5.62 13.08
CA ARG B 36 9.44 -4.53 13.02
C ARG B 36 9.75 -4.00 11.63
N TRP B 37 9.04 -4.38 10.57
CA TRP B 37 9.39 -3.94 9.23
C TRP B 37 8.19 -3.35 8.51
N VAL B 38 8.40 -2.21 7.86
CA VAL B 38 7.32 -1.55 7.15
C VAL B 38 7.77 -1.40 5.70
N LEU B 39 6.87 -1.68 4.77
CA LEU B 39 7.20 -1.60 3.34
C LEU B 39 6.56 -0.34 2.77
N THR B 40 7.28 0.38 1.91
CA THR B 40 6.64 1.53 1.28
C THR B 40 7.23 1.78 -0.12
N ALA B 41 6.87 2.90 -0.75
CA ALA B 41 7.49 3.26 -2.02
C ALA B 41 8.71 4.13 -1.78
N ALA B 42 9.73 3.98 -2.63
CA ALA B 42 10.96 4.75 -2.42
C ALA B 42 10.72 6.25 -2.60
N HIS B 43 9.79 6.56 -3.49
CA HIS B 43 9.52 7.95 -3.85
C HIS B 43 8.91 8.69 -2.65
N CYS B 44 8.30 7.96 -1.72
CA CYS B 44 7.83 8.52 -0.48
C CYS B 44 8.95 9.11 0.36
N LEU B 45 10.16 8.59 0.18
CA LEU B 45 11.31 8.93 1.00
C LEU B 45 12.41 9.68 0.25
N LEU B 46 12.50 9.41 -1.05
CA LEU B 46 13.54 10.02 -1.89
C LEU B 46 12.96 10.40 -3.24
N TYR B 47 13.04 11.69 -3.56
CA TYR B 47 12.60 12.14 -4.88
C TYR B 47 13.18 13.52 -5.16
N PRO B 48 14.43 13.47 -5.62
CA PRO B 48 15.23 14.68 -5.86
C PRO B 48 14.58 15.71 -6.74
N PRO B 49 13.82 15.42 -7.78
CA PRO B 49 13.24 16.52 -8.56
C PRO B 49 12.31 17.43 -7.76
N TRP B 50 11.86 16.98 -6.60
CA TRP B 50 10.93 17.78 -5.81
C TRP B 50 11.59 18.12 -4.48
N ASP B 51 12.91 17.92 -4.47
CA ASP B 51 13.72 18.18 -3.30
C ASP B 51 13.23 17.33 -2.12
N LYS B 52 12.87 16.08 -2.39
CA LYS B 52 12.48 15.17 -1.31
C LYS B 52 13.57 14.14 -1.01
N ASN B 53 14.00 14.12 0.24
CA ASN B 53 15.00 13.22 0.77
C ASN B 53 14.90 13.02 2.27
N PHE B 54 13.86 12.34 2.75
CA PHE B 54 13.65 12.24 4.19
C PHE B 54 14.62 11.31 4.89
N THR B 55 15.06 11.74 6.07
CA THR B 55 15.85 10.90 6.94
C THR B 55 14.93 10.30 8.01
N GLU B 56 15.42 9.27 8.65
CA GLU B 56 14.69 8.54 9.70
C GLU B 56 14.01 9.51 10.66
N ASN B 57 14.79 10.45 11.17
CA ASN B 57 14.41 11.38 12.22
C ASN B 57 13.29 12.31 11.81
N ASP B 58 12.98 12.34 10.50
CA ASP B 58 11.95 13.26 10.07
C ASP B 58 10.58 12.62 10.17
N LEU B 59 10.56 11.32 10.43
CA LEU B 59 9.34 10.57 10.26
C LEU B 59 8.91 9.70 11.44
N LEU B 60 7.60 9.50 11.47
CA LEU B 60 6.95 8.51 12.29
C LEU B 60 6.06 7.58 11.45
N VAL B 61 5.94 6.35 11.91
CA VAL B 61 4.98 5.39 11.38
C VAL B 61 3.78 5.25 12.31
N ARG B 62 2.56 5.47 11.84
CA ARG B 62 1.35 5.27 12.62
C ARG B 62 0.58 4.04 12.14
N ILE B 63 0.41 3.05 13.01
CA ILE B 63 -0.24 1.80 12.68
C ILE B 63 -1.54 1.60 13.43
N GLY B 64 -2.46 0.90 12.80
CA GLY B 64 -3.77 0.55 13.31
C GLY B 64 -4.75 1.69 13.14
N LYS B 65 -4.44 2.60 12.22
CA LYS B 65 -5.31 3.76 12.06
C LYS B 65 -6.51 3.51 11.16
N HIS B 66 -7.52 4.34 11.42
CA HIS B 66 -8.73 4.41 10.64
C HIS B 66 -8.98 5.86 10.21
N SER B 67 -9.08 6.72 11.21
CA SER B 67 -9.22 8.15 10.93
C SER B 67 -7.93 8.71 10.35
N ARG B 68 -8.07 9.53 9.30
CA ARG B 68 -6.91 10.26 8.77
C ARG B 68 -6.30 11.20 9.81
N THR B 69 -7.11 12.11 10.35
CA THR B 69 -6.55 13.20 11.17
C THR B 69 -6.53 12.98 12.68
N ARG B 70 -7.51 12.23 13.19
CA ARG B 70 -7.60 12.09 14.64
C ARG B 70 -6.49 11.22 15.20
N TYR B 71 -6.08 11.49 16.44
CA TYR B 71 -5.18 10.60 17.16
C TYR B 71 -6.01 9.54 17.89
N GLU B 72 -5.79 8.29 17.50
CA GLU B 72 -6.71 7.19 17.85
C GLU B 72 -6.21 6.48 19.09
N ARG B 73 -6.46 7.20 20.19
CA ARG B 73 -6.10 6.77 21.53
C ARG B 73 -6.56 5.34 21.79
N ASN B 74 -5.66 4.52 22.30
CA ASN B 74 -5.92 3.14 22.68
C ASN B 74 -6.01 2.22 21.47
N ILE B 75 -5.78 2.78 20.28
CA ILE B 75 -5.96 1.94 19.09
C ILE B 75 -4.69 1.97 18.24
N GLU B 76 -4.41 3.17 17.72
CA GLU B 76 -3.20 3.30 16.90
C GLU B 76 -1.99 3.18 17.78
N LYS B 77 -0.90 2.74 17.15
CA LYS B 77 0.43 2.75 17.72
C LYS B 77 1.33 3.62 16.82
N ILE B 78 2.20 4.40 17.44
CA ILE B 78 3.07 5.31 16.69
C ILE B 78 4.51 4.87 16.85
N SER B 79 5.22 4.55 15.77
CA SER B 79 6.58 4.02 15.92
C SER B 79 7.62 4.90 15.22
N MET B 80 8.80 4.83 15.81
CA MET B 80 10.01 5.47 15.36
C MET B 80 10.82 4.56 14.45
N LEU B 81 11.51 5.21 13.51
CA LEU B 81 12.35 4.49 12.57
C LEU B 81 13.78 4.37 13.08
N GLU B 82 14.30 3.16 13.00
CA GLU B 82 15.67 2.77 13.24
C GLU B 82 16.51 2.99 11.98
N LYS B 83 15.95 2.53 10.86
CA LYS B 83 16.70 2.67 9.62
C LYS B 83 15.84 2.51 8.38
N ILE B 84 16.18 3.30 7.36
CA ILE B 84 15.52 3.25 6.06
C ILE B 84 16.40 2.53 5.06
N TYR B 85 15.82 1.75 4.18
CA TYR B 85 16.51 1.00 3.14
C TYR B 85 15.80 1.20 1.79
N ILE B 86 16.51 1.87 0.89
CA ILE B 86 15.94 2.10 -0.44
C ILE B 86 16.61 1.20 -1.46
N HIS B 87 15.82 0.65 -2.37
CA HIS B 87 16.35 -0.19 -3.46
C HIS B 87 17.50 0.53 -4.14
N PRO B 88 18.68 -0.08 -4.21
CA PRO B 88 19.86 0.57 -4.79
C PRO B 88 19.74 0.89 -6.28
N ARG B 89 18.83 0.34 -7.05
CA ARG B 89 18.55 0.57 -8.45
C ARG B 89 17.18 1.22 -8.64
N TYR B 90 16.67 1.85 -7.59
CA TYR B 90 15.48 2.68 -7.70
C TYR B 90 15.74 3.82 -8.69
N ASN B 91 14.96 3.89 -9.76
CA ASN B 91 15.12 4.84 -10.86
C ASN B 91 14.21 6.06 -10.76
N TRP B 92 14.61 7.02 -9.93
CA TRP B 92 13.85 8.25 -9.78
C TRP B 92 14.08 9.20 -10.93
N ARG B 93 15.12 8.92 -11.73
N ARG B 93 15.12 8.90 -11.72
CA ARG B 93 15.45 9.84 -12.82
CA ARG B 93 15.53 9.80 -12.80
C ARG B 93 14.49 9.71 -13.98
C ARG B 93 14.64 9.66 -14.02
N GLU B 94 14.10 8.47 -14.28
CA GLU B 94 13.28 8.25 -15.46
C GLU B 94 11.86 7.81 -15.19
N ASN B 95 11.68 6.62 -14.60
CA ASN B 95 10.32 6.11 -14.53
C ASN B 95 9.93 5.51 -13.19
N LEU B 96 10.68 5.72 -12.13
CA LEU B 96 10.32 5.11 -10.84
C LEU B 96 10.38 3.60 -10.85
N ASP B 97 11.20 3.06 -11.77
CA ASP B 97 11.47 1.63 -11.73
C ASP B 97 12.00 1.21 -10.37
N ARG B 98 11.53 0.08 -9.85
CA ARG B 98 11.94 -0.42 -8.55
C ARG B 98 11.63 0.59 -7.44
N ASP B 99 10.39 1.05 -7.45
CA ASP B 99 9.89 2.04 -6.48
C ASP B 99 9.55 1.35 -5.16
N ILE B 100 10.55 1.08 -4.33
CA ILE B 100 10.32 0.25 -3.15
C ILE B 100 11.36 0.58 -2.11
N ALA B 101 10.90 0.59 -0.85
CA ALA B 101 11.78 0.86 0.27
C ALA B 101 11.32 0.08 1.50
N LEU B 102 12.25 -0.16 2.41
CA LEU B 102 11.95 -0.77 3.70
C LEU B 102 12.32 0.16 4.85
N MET B 103 11.52 0.06 5.89
CA MET B 103 11.73 0.82 7.12
C MET B 103 11.73 -0.16 8.29
N LYS B 104 12.81 -0.13 9.07
CA LYS B 104 12.91 -0.93 10.28
C LYS B 104 12.56 -0.08 11.49
N LEU B 105 11.63 -0.55 12.31
CA LEU B 105 11.18 0.21 13.48
C LEU B 105 12.16 0.05 14.63
N LYS B 106 12.24 1.08 15.44
CA LYS B 106 13.09 1.09 16.63
C LYS B 106 12.67 -0.01 17.60
N LYS B 107 11.36 -0.21 17.75
CA LYS B 107 10.84 -1.26 18.61
C LYS B 107 9.71 -2.03 17.95
N PRO B 108 9.61 -3.32 18.21
CA PRO B 108 8.52 -4.13 17.67
C PRO B 108 7.16 -3.54 18.04
N VAL B 109 6.21 -3.60 17.11
CA VAL B 109 4.88 -3.09 17.39
C VAL B 109 4.01 -4.25 17.90
N ALA B 110 3.07 -3.92 18.76
CA ALA B 110 2.20 -4.95 19.33
C ALA B 110 1.01 -5.20 18.42
N PHE B 111 0.84 -6.47 18.03
CA PHE B 111 -0.29 -6.81 17.18
C PHE B 111 -1.55 -6.73 18.05
N SER B 112 -2.67 -6.47 17.40
CA SER B 112 -3.95 -6.22 18.03
C SER B 112 -5.06 -6.51 17.05
N ASP B 113 -6.31 -6.23 17.38
CA ASP B 113 -7.34 -6.45 16.36
C ASP B 113 -7.20 -5.48 15.19
N TYR B 114 -6.41 -4.42 15.35
CA TYR B 114 -6.33 -3.36 14.36
C TYR B 114 -4.99 -3.31 13.65
N ILE B 115 -4.05 -4.09 14.16
CA ILE B 115 -2.66 -4.13 13.78
C ILE B 115 -2.18 -5.56 13.54
N HIS B 116 -1.94 -5.90 12.28
CA HIS B 116 -1.58 -7.25 11.88
C HIS B 116 -0.86 -7.22 10.53
N PRO B 117 0.20 -8.00 10.41
CA PRO B 117 0.97 -8.00 9.16
C PRO B 117 0.29 -8.74 8.02
N VAL B 118 0.61 -8.27 6.81
CA VAL B 118 0.13 -8.85 5.56
C VAL B 118 1.18 -9.83 5.07
N CYS B 119 0.82 -10.79 4.22
CA CYS B 119 1.85 -11.65 3.68
C CYS B 119 2.49 -11.05 2.43
N LEU B 120 3.73 -11.45 2.18
CA LEU B 120 4.40 -11.19 0.91
C LEU B 120 4.36 -12.47 0.08
N PRO B 121 4.10 -12.31 -1.21
CA PRO B 121 3.88 -13.46 -2.09
C PRO B 121 5.15 -14.28 -2.36
N ASP B 122 4.96 -15.58 -2.47
CA ASP B 122 5.92 -16.53 -3.03
C ASP B 122 5.67 -16.62 -4.53
N ARG B 123 6.59 -17.26 -5.23
N ARG B 123 6.57 -17.22 -5.30
CA ARG B 123 6.58 -17.41 -6.67
CA ARG B 123 6.37 -17.19 -6.75
C ARG B 123 5.26 -17.94 -7.23
C ARG B 123 5.07 -17.82 -7.22
N GLU B 124 4.65 -18.89 -6.54
CA GLU B 124 3.47 -19.58 -7.08
C GLU B 124 2.21 -18.78 -6.83
N THR B 125 2.13 -18.09 -5.67
CA THR B 125 0.96 -17.26 -5.46
C THR B 125 0.91 -16.11 -6.47
N ALA B 126 2.08 -15.52 -6.69
CA ALA B 126 2.21 -14.44 -7.66
C ALA B 126 1.79 -14.90 -9.04
N ALA B 127 2.32 -16.09 -9.41
CA ALA B 127 1.94 -16.55 -10.75
C ALA B 127 0.44 -16.84 -10.80
N SER B 128 -0.11 -17.37 -9.70
CA SER B 128 -1.52 -17.72 -9.79
C SER B 128 -2.40 -16.47 -9.87
N LEU B 129 -2.00 -15.41 -9.18
CA LEU B 129 -2.92 -14.30 -8.98
C LEU B 129 -2.67 -13.06 -9.81
N LEU B 130 -1.46 -12.82 -10.29
CA LEU B 130 -1.24 -11.61 -11.08
C LEU B 130 -1.54 -11.87 -12.55
N GLN B 131 -2.81 -11.85 -12.84
CA GLN B 131 -3.46 -12.08 -14.11
C GLN B 131 -4.43 -10.97 -14.48
N ALA B 132 -4.40 -10.54 -15.74
CA ALA B 132 -5.36 -9.58 -16.24
C ALA B 132 -6.78 -9.97 -15.84
N GLY B 133 -7.56 -9.05 -15.30
CA GLY B 133 -8.91 -9.34 -14.87
C GLY B 133 -9.05 -9.72 -13.42
N TYR B 134 -7.99 -10.19 -12.78
CA TYR B 134 -8.10 -10.52 -11.37
C TYR B 134 -8.07 -9.23 -10.57
N LYS B 135 -8.93 -9.10 -9.59
CA LYS B 135 -9.00 -7.84 -8.84
C LYS B 135 -8.16 -7.89 -7.58
N GLY B 136 -7.58 -6.73 -7.27
CA GLY B 136 -6.88 -6.47 -6.04
C GLY B 136 -7.60 -5.32 -5.32
N ARG B 137 -7.11 -5.02 -4.13
CA ARG B 137 -7.65 -3.96 -3.29
C ARG B 137 -6.60 -2.93 -2.92
N VAL B 138 -6.99 -1.66 -3.04
CA VAL B 138 -6.04 -0.62 -2.72
C VAL B 138 -6.63 0.28 -1.64
N THR B 139 -5.78 0.67 -0.72
CA THR B 139 -6.29 1.41 0.45
C THR B 139 -5.45 2.62 0.71
N GLY B 140 -6.12 3.70 1.17
CA GLY B 140 -5.33 4.89 1.38
C GLY B 140 -6.10 6.06 1.97
N TRP B 141 -5.36 7.03 2.47
CA TRP B 141 -5.89 8.29 2.99
C TRP B 141 -5.62 9.43 2.03
N GLY B 142 -5.37 9.09 0.79
CA GLY B 142 -5.04 10.07 -0.24
C GLY B 142 -6.22 10.86 -0.72
N ASN B 143 -5.95 11.82 -1.61
CA ASN B 143 -7.02 12.65 -2.13
C ASN B 143 -8.16 11.84 -2.74
N LEU B 144 -9.35 12.37 -2.61
CA LEU B 144 -10.57 11.82 -3.16
C LEU B 144 -10.83 12.16 -4.61
N LYS B 145 -10.12 13.13 -5.17
CA LYS B 145 -10.29 13.49 -6.58
C LYS B 145 -9.00 14.12 -7.11
N GLU B 146 -8.85 14.11 -8.42
CA GLU B 146 -7.69 14.79 -8.98
C GLU B 146 -7.82 16.28 -8.70
N GLY B 155 -10.80 18.03 0.23
CA GLY B 155 -10.48 17.04 -0.78
C GLY B 155 -9.97 15.72 -0.22
N GLN B 156 -9.78 15.66 1.08
CA GLN B 156 -9.30 14.44 1.74
C GLN B 156 -10.41 13.76 2.54
N PRO B 157 -10.27 12.46 2.77
CA PRO B 157 -11.38 11.71 3.39
C PRO B 157 -11.29 11.78 4.91
N SER B 158 -12.38 11.41 5.58
N SER B 158 -12.39 11.42 5.57
CA SER B 158 -12.25 11.45 7.03
CA SER B 158 -12.35 11.43 7.03
C SER B 158 -11.62 10.14 7.54
C SER B 158 -11.69 10.16 7.55
N VAL B 159 -11.93 9.05 6.85
CA VAL B 159 -11.35 7.77 7.24
C VAL B 159 -10.69 7.03 6.07
N LEU B 160 -9.90 6.03 6.39
CA LEU B 160 -9.30 5.13 5.40
C LEU B 160 -10.26 4.71 4.31
N GLN B 161 -9.84 4.84 3.05
CA GLN B 161 -10.64 4.52 1.89
C GLN B 161 -10.13 3.20 1.23
N VAL B 162 -11.03 2.50 0.58
N VAL B 162 -11.03 2.52 0.57
CA VAL B 162 -10.77 1.23 -0.08
CA VAL B 162 -10.81 1.21 -0.04
C VAL B 162 -11.36 1.22 -1.48
C VAL B 162 -11.38 1.16 -1.45
N VAL B 163 -10.66 0.58 -2.41
CA VAL B 163 -11.19 0.38 -3.75
C VAL B 163 -10.60 -0.90 -4.36
N ASN B 164 -11.45 -1.70 -4.98
CA ASN B 164 -11.11 -2.93 -5.68
C ASN B 164 -10.93 -2.68 -7.18
N LEU B 165 -9.81 -3.11 -7.74
CA LEU B 165 -9.44 -2.83 -9.11
C LEU B 165 -8.85 -4.03 -9.82
N PRO B 166 -9.27 -4.20 -11.06
CA PRO B 166 -8.75 -5.30 -11.89
C PRO B 166 -7.38 -4.99 -12.48
N ILE B 167 -6.53 -6.00 -12.45
CA ILE B 167 -5.20 -5.96 -13.02
C ILE B 167 -5.37 -5.83 -14.54
N VAL B 168 -4.48 -5.09 -15.20
CA VAL B 168 -4.70 -4.80 -16.61
C VAL B 168 -3.59 -5.42 -17.45
N GLU B 169 -3.96 -5.99 -18.60
CA GLU B 169 -2.98 -6.56 -19.52
C GLU B 169 -1.87 -5.54 -19.81
N ARG B 170 -0.64 -6.02 -19.77
CA ARG B 170 0.57 -5.28 -20.03
C ARG B 170 0.51 -4.47 -21.33
N PRO B 171 0.04 -5.01 -22.45
CA PRO B 171 -0.05 -4.18 -23.66
C PRO B 171 -0.95 -2.97 -23.47
N VAL B 172 -2.08 -3.15 -22.81
CA VAL B 172 -2.96 -2.02 -22.59
C VAL B 172 -2.29 -1.03 -21.64
N CYS B 173 -1.60 -1.51 -20.62
CA CYS B 173 -0.85 -0.65 -19.70
C CYS B 173 0.11 0.23 -20.50
N LYS B 174 0.87 -0.41 -21.37
CA LYS B 174 1.91 0.28 -22.14
C LYS B 174 1.34 1.31 -23.10
N ASP B 175 0.25 0.92 -23.75
CA ASP B 175 -0.39 1.77 -24.74
C ASP B 175 -1.13 2.94 -24.12
N SER B 176 -1.21 2.98 -22.78
CA SER B 176 -1.94 4.07 -22.13
C SER B 176 -1.04 5.26 -21.81
N THR B 177 0.27 5.11 -21.95
CA THR B 177 1.22 6.11 -21.48
C THR B 177 2.42 6.23 -22.41
N ARG B 178 3.13 7.33 -22.25
CA ARG B 178 4.36 7.59 -22.99
C ARG B 178 5.54 7.15 -22.15
N ILE B 179 5.26 6.86 -20.88
CA ILE B 179 6.35 6.42 -20.01
C ILE B 179 6.82 5.01 -20.34
N ARG B 180 8.12 4.76 -20.09
CA ARG B 180 8.63 3.42 -20.30
C ARG B 180 8.27 2.50 -19.13
N ILE B 181 7.39 1.52 -19.36
CA ILE B 181 7.07 0.64 -18.23
C ILE B 181 7.87 -0.65 -18.24
N THR B 182 8.30 -1.08 -17.07
CA THR B 182 9.11 -2.26 -16.83
C THR B 182 8.36 -3.41 -16.18
N ASP B 183 9.04 -4.56 -16.17
CA ASP B 183 8.62 -5.82 -15.59
C ASP B 183 8.47 -5.68 -14.08
N ASN B 184 9.07 -4.66 -13.49
CA ASN B 184 8.94 -4.38 -12.05
C ASN B 184 7.70 -3.55 -11.72
N MET B 185 6.82 -3.34 -12.70
CA MET B 185 5.60 -2.60 -12.53
C MET B 185 4.43 -3.40 -13.09
N PHE B 186 3.24 -3.13 -12.57
CA PHE B 186 2.00 -3.62 -13.16
C PHE B 186 0.96 -2.51 -13.06
N CYS B 187 -0.08 -2.58 -13.89
CA CYS B 187 -1.08 -1.50 -13.78
C CYS B 187 -2.44 -2.09 -13.48
N ALA B 188 -3.27 -1.31 -12.79
CA ALA B 188 -4.62 -1.76 -12.49
C ALA B 188 -5.64 -0.65 -12.67
N GLY B 189 -6.88 -1.04 -12.92
CA GLY B 189 -7.97 -0.12 -13.16
C GLY B 189 -8.96 -0.59 -14.20
N TYR B 190 -10.14 0.04 -14.18
CA TYR B 190 -11.16 -0.28 -15.16
C TYR B 190 -10.85 0.45 -16.47
N LYS B 191 -11.27 -0.11 -17.58
CA LYS B 191 -11.19 0.52 -18.89
C LYS B 191 -12.37 1.47 -19.05
N PRO B 192 -12.30 2.42 -19.98
CA PRO B 192 -13.42 3.34 -20.19
C PRO B 192 -14.75 2.63 -20.41
N ASP B 193 -14.73 1.50 -21.11
CA ASP B 193 -15.95 0.80 -21.48
C ASP B 193 -16.53 -0.04 -20.35
N GLU B 194 -15.71 -0.43 -19.38
CA GLU B 194 -16.18 -1.33 -18.32
C GLU B 194 -17.23 -0.66 -17.44
N GLY B 195 -17.35 0.67 -17.56
CA GLY B 195 -18.40 1.38 -16.84
C GLY B 195 -18.00 1.89 -15.48
N LYS B 196 -17.58 0.99 -14.60
CA LYS B 196 -17.14 1.37 -13.27
C LYS B 196 -15.75 1.97 -13.29
N ARG B 197 -15.30 2.51 -12.14
CA ARG B 197 -14.00 3.19 -12.14
C ARG B 197 -13.40 3.20 -10.74
N GLY B 198 -12.42 4.04 -10.48
CA GLY B 198 -11.72 4.20 -9.22
C GLY B 198 -10.22 4.15 -9.43
N ASP B 199 -9.46 4.76 -8.54
CA ASP B 199 -8.01 4.83 -8.68
C ASP B 199 -7.40 5.25 -7.35
N ALA B 200 -6.10 5.00 -7.18
CA ALA B 200 -5.28 5.58 -6.16
C ALA B 200 -4.99 7.02 -6.58
N CYS B 201 -4.47 7.82 -5.68
CA CYS B 201 -4.20 9.23 -6.02
C CYS B 201 -3.12 9.73 -5.08
N GLU B 202 -2.70 10.98 -5.25
CA GLU B 202 -1.66 11.55 -4.38
C GLU B 202 -2.02 11.35 -2.91
N GLY B 203 -1.05 10.95 -2.11
CA GLY B 203 -1.23 10.61 -0.71
C GLY B 203 -1.48 9.11 -0.50
N ASP B 204 -1.83 8.39 -1.56
CA ASP B 204 -2.03 6.96 -1.49
C ASP B 204 -0.73 6.19 -1.68
N SER B 205 0.28 6.92 -2.14
CA SER B 205 1.65 6.52 -2.35
C SER B 205 2.19 5.63 -1.24
N GLY B 206 2.76 4.50 -1.64
CA GLY B 206 3.49 3.60 -0.79
C GLY B 206 2.57 2.58 -0.11
N GLY B 207 1.28 2.78 -0.28
CA GLY B 207 0.24 1.91 0.23
C GLY B 207 0.14 0.60 -0.54
N PRO B 208 -0.52 -0.39 0.04
CA PRO B 208 -0.48 -1.76 -0.54
C PRO B 208 -1.62 -2.04 -1.49
N PHE B 209 -1.32 -2.80 -2.55
CA PHE B 209 -2.28 -3.42 -3.47
C PHE B 209 -2.37 -4.87 -3.01
N VAL B 210 -3.51 -5.28 -2.45
CA VAL B 210 -3.52 -6.63 -1.87
C VAL B 210 -4.50 -7.53 -2.59
N MET B 211 -4.25 -8.85 -2.50
CA MET B 211 -5.20 -9.81 -3.06
C MET B 211 -5.43 -10.92 -2.04
N LYS B 212 -6.64 -11.47 -2.01
CA LYS B 212 -6.94 -12.57 -1.11
C LYS B 212 -6.81 -13.91 -1.82
N SER B 213 -5.81 -14.68 -1.40
CA SER B 213 -5.57 -15.95 -2.09
C SER B 213 -6.75 -16.90 -1.86
N PRO B 214 -7.26 -17.47 -2.93
CA PRO B 214 -8.37 -18.42 -2.78
C PRO B 214 -7.89 -19.81 -2.37
N PHE B 215 -6.58 -19.96 -2.30
CA PHE B 215 -5.99 -21.26 -1.97
C PHE B 215 -5.87 -21.45 -0.48
N ASN B 216 -5.52 -20.34 0.20
CA ASN B 216 -5.41 -20.49 1.64
C ASN B 216 -6.03 -19.35 2.44
N ASN B 217 -6.85 -18.56 1.78
CA ASN B 217 -7.64 -17.48 2.33
C ASN B 217 -6.82 -16.48 3.12
N ARG B 218 -5.58 -16.22 2.71
CA ARG B 218 -4.80 -15.17 3.31
C ARG B 218 -4.56 -14.01 2.33
N TRP B 219 -4.33 -12.84 2.91
CA TRP B 219 -4.11 -11.63 2.13
C TRP B 219 -2.64 -11.46 1.81
N TYR B 220 -2.38 -11.23 0.53
CA TYR B 220 -1.03 -11.00 0.08
C TYR B 220 -0.80 -9.62 -0.54
N GLN B 221 0.34 -9.02 -0.24
CA GLN B 221 0.64 -7.74 -0.87
C GLN B 221 1.39 -7.94 -2.20
N MET B 222 0.68 -7.70 -3.29
CA MET B 222 1.19 -7.92 -4.64
C MET B 222 1.79 -6.64 -5.18
N GLY B 223 1.33 -5.47 -4.72
CA GLY B 223 1.91 -4.25 -5.27
C GLY B 223 2.02 -3.13 -4.27
N ILE B 224 2.72 -2.08 -4.71
CA ILE B 224 2.80 -0.85 -3.97
C ILE B 224 2.33 0.34 -4.81
N VAL B 225 1.46 1.17 -4.26
CA VAL B 225 1.03 2.34 -5.01
C VAL B 225 2.22 3.19 -5.43
N SER B 226 2.43 3.34 -6.74
CA SER B 226 3.64 4.01 -7.20
C SER B 226 3.36 5.31 -7.95
N TRP B 227 2.66 5.26 -9.07
CA TRP B 227 2.49 6.47 -9.88
C TRP B 227 1.31 6.33 -10.83
N GLY B 228 0.93 7.45 -11.41
CA GLY B 228 -0.13 7.60 -12.36
C GLY B 228 -0.06 9.03 -12.94
N GLU B 229 -0.79 9.26 -14.00
CA GLU B 229 -1.00 10.52 -14.69
C GLU B 229 -2.42 11.00 -14.40
N GLY B 230 -2.46 11.96 -13.49
CA GLY B 230 -3.76 12.34 -12.95
C GLY B 230 -4.24 11.25 -12.00
N CYS B 231 -5.53 11.17 -11.81
CA CYS B 231 -6.17 10.17 -10.96
C CYS B 231 -7.55 9.86 -11.55
N ASP B 232 -7.83 8.59 -11.73
CA ASP B 232 -9.08 8.08 -12.27
C ASP B 232 -9.44 8.69 -13.62
N ARG B 233 -8.45 8.96 -14.47
CA ARG B 233 -8.78 9.41 -15.82
C ARG B 233 -9.15 8.23 -16.72
N ASP B 234 -10.19 8.42 -17.52
CA ASP B 234 -10.51 7.44 -18.56
C ASP B 234 -9.26 7.23 -19.39
N GLY B 235 -9.05 5.97 -19.75
CA GLY B 235 -7.94 5.57 -20.58
C GLY B 235 -6.61 5.51 -19.85
N LYS B 236 -6.57 5.89 -18.57
CA LYS B 236 -5.35 5.82 -17.77
C LYS B 236 -5.52 4.78 -16.67
N TYR B 237 -4.40 4.27 -16.17
CA TYR B 237 -4.34 3.20 -15.18
C TYR B 237 -3.34 3.56 -14.10
N GLY B 238 -3.57 3.04 -12.90
CA GLY B 238 -2.64 3.29 -11.83
C GLY B 238 -1.50 2.27 -11.98
N PHE B 239 -0.29 2.69 -11.67
CA PHE B 239 0.88 1.83 -11.69
C PHE B 239 1.35 1.50 -10.28
N TYR B 240 1.75 0.24 -10.16
CA TYR B 240 2.12 -0.42 -8.92
C TYR B 240 3.47 -1.10 -9.05
N THR B 241 4.30 -0.94 -8.05
CA THR B 241 5.54 -1.70 -7.89
C THR B 241 5.22 -3.18 -7.74
N HIS B 242 5.89 -4.03 -8.50
CA HIS B 242 5.69 -5.49 -8.48
C HIS B 242 6.45 -6.10 -7.33
N VAL B 243 5.73 -6.33 -6.21
CA VAL B 243 6.45 -6.78 -5.03
C VAL B 243 7.20 -8.09 -5.24
N PHE B 244 6.58 -9.09 -5.87
CA PHE B 244 7.29 -10.36 -5.97
C PHE B 244 8.58 -10.23 -6.76
N ARG B 245 8.61 -9.40 -7.79
CA ARG B 245 9.82 -9.21 -8.59
C ARG B 245 10.98 -8.65 -7.79
N LEU B 246 10.72 -8.00 -6.66
CA LEU B 246 11.80 -7.35 -5.91
C LEU B 246 11.99 -8.02 -4.57
N LYS B 247 11.41 -9.22 -4.51
CA LYS B 247 11.34 -10.05 -3.33
C LYS B 247 12.72 -10.41 -2.77
N LYS B 248 13.60 -10.76 -3.70
CA LYS B 248 14.97 -11.10 -3.38
C LYS B 248 15.63 -9.97 -2.62
N TRP B 249 15.44 -8.75 -3.11
CA TRP B 249 16.04 -7.63 -2.39
C TRP B 249 15.47 -7.52 -0.98
N ILE B 250 14.17 -7.77 -0.86
CA ILE B 250 13.47 -7.61 0.41
C ILE B 250 14.03 -8.60 1.43
N GLN B 251 14.14 -9.85 1.02
CA GLN B 251 14.62 -10.92 1.90
C GLN B 251 16.04 -10.61 2.35
N LYS B 252 16.82 -10.21 1.36
CA LYS B 252 18.21 -9.86 1.62
C LYS B 252 18.29 -8.79 2.68
N VAL B 253 17.56 -7.68 2.49
CA VAL B 253 17.60 -6.63 3.48
C VAL B 253 17.21 -7.18 4.86
N ILE B 254 16.14 -7.96 4.86
CA ILE B 254 15.70 -8.39 6.19
C ILE B 254 16.62 -9.46 6.73
N ASP B 255 17.30 -10.21 5.84
CA ASP B 255 18.23 -11.20 6.39
C ASP B 255 19.49 -10.52 6.97
N GLN B 256 20.13 -9.72 6.15
CA GLN B 256 21.32 -8.97 6.53
C GLN B 256 21.08 -8.16 7.80
N PHE B 257 20.17 -7.22 7.70
CA PHE B 257 19.94 -6.28 8.79
C PHE B 257 18.83 -6.68 9.74
N GLY B 258 18.31 -7.90 9.60
CA GLY B 258 17.19 -8.35 10.39
C GLY B 258 17.37 -8.15 11.89
N GLY C 2 -1.25 19.86 10.38
CA GLY C 2 -2.02 21.10 10.47
C GLY C 2 -3.50 20.82 10.60
N ASP C 3 -4.01 20.00 9.68
CA ASP C 3 -5.39 19.57 9.73
C ASP C 3 -5.54 18.48 10.79
N PHE C 4 -4.39 18.04 11.26
CA PHE C 4 -4.21 16.89 12.12
C PHE C 4 -4.24 17.15 13.61
N GLU C 5 -4.99 16.30 14.30
CA GLU C 5 -4.88 16.28 15.75
C GLU C 5 -3.44 16.01 16.15
N GLU C 6 -3.00 16.76 17.15
CA GLU C 6 -1.67 16.68 17.73
C GLU C 6 -1.41 15.33 18.37
N ILE C 7 -0.23 14.76 18.10
CA ILE C 7 0.03 13.47 18.75
C ILE C 7 0.81 13.72 20.04
N PRO C 8 0.84 12.76 20.94
CA PRO C 8 1.58 12.92 22.19
C PRO C 8 3.06 13.22 21.98
N GLU C 9 3.49 14.33 22.56
CA GLU C 9 4.85 14.84 22.60
C GLU C 9 5.91 13.76 22.82
N GLU C 10 5.54 12.73 23.58
CA GLU C 10 6.32 11.53 23.74
C GLU C 10 6.76 10.99 22.38
N TYS C 11 5.91 11.14 21.38
CA TYS C 11 6.24 10.65 20.00
CB TYS C 11 4.94 10.28 19.27
CG TYS C 11 4.21 9.18 20.01
CD1 TYS C 11 4.83 7.95 20.29
CD2 TYS C 11 2.87 9.41 20.39
CE1 TYS C 11 4.12 6.96 21.00
CE2 TYS C 11 2.16 8.43 21.08
CZ TYS C 11 2.77 7.19 21.38
OH TYS C 11 2.06 6.23 22.05
S TYS C 11 1.22 5.30 21.15
O1 TYS C 11 2.19 4.30 20.52
O2 TYS C 11 0.42 4.56 22.06
O3 TYS C 11 0.61 6.11 20.14
C TYS C 11 6.98 11.67 19.14
O TYS C 11 7.79 11.19 18.31
NA NA D . 3.16 3.73 -24.66
NA NA E . -8.58 5.26 -15.53
O32 46U F . 3.03 10.01 -10.68
C14 46U F . 4.05 10.71 -10.74
C5 46U F . 4.27 11.65 -11.90
O21 46U F . 5.57 11.46 -12.39
C44 46U F . 5.58 10.45 -13.41
N1 46U F . 5.02 10.70 -9.79
C1 46U F . 4.87 9.92 -8.55
C7 46U F . 3.64 10.14 -7.77
O22 46U F . 3.23 11.29 -7.73
C2 46U F . 6.09 10.37 -7.79
C3 46U F . 6.88 11.45 -8.49
C4 46U F . 6.00 11.83 -9.66
N23 46U F . 2.94 9.27 -7.12
C24 46U F . 1.69 9.57 -6.53
C25 46U F . 0.62 8.83 -7.23
C30 46U F . 0.18 7.58 -6.93
C29 46U F . -0.84 7.00 -7.65
C28 46U F . -1.47 7.60 -8.71
C21 46U F . -2.57 6.89 -9.45
N46 46U F . -3.37 7.62 -10.21
N47 46U F . -2.75 5.58 -9.34
C27 46U F . -1.01 8.87 -9.01
C26 46U F . 0.02 9.50 -8.30
C1 GOL G . 0.07 -20.76 -0.48
O1 GOL G . -1.17 -21.49 -0.55
C2 GOL G . 0.59 -20.83 0.98
O2 GOL G . 1.99 -21.16 0.94
C3 GOL G . -0.19 -21.89 1.79
O3 GOL G . -0.20 -21.57 3.20
#